data_7N5U
#
_entry.id   7N5U
#
_cell.length_a   63.380
_cell.length_b   103.606
_cell.length_c   37.073
_cell.angle_alpha   90.000
_cell.angle_beta   90.000
_cell.angle_gamma   90.000
#
_symmetry.space_group_name_H-M   'P 21 21 2'
#
loop_
_entity.id
_entity.type
_entity.pdbx_description
1 polymer 'Zinc finger and BTB domain-containing protein 7A'
2 polymer 'DNA Strand I'
3 polymer 'DNA Strain II'
4 non-polymer 'ZINC ION'
5 water water
#
loop_
_entity_poly.entity_id
_entity_poly.type
_entity_poly.pdbx_seq_one_letter_code
_entity_poly.pdbx_strand_id
1 'polypeptide(L)'
;GPLGSQKVEKKIRAKAFQKCPICEKVIQGAGKLPRHIRTHTGEKPYECNICKVRFTRQDKLKVHMRKHTGEKPYLCQQCG
AAFAHNYDLKNHMRVHTGLRPYQCDSCCKTFVRSDHLHRHLKKDGCNGVPSRRGRKLERPHRD
;
A
2 'polydeoxyribonucleotide' (DC)(DA)(DA)(DA)(DC)(DA)(DT)(DC)(DA)(DA)(DG)(DG)(DG)(DT)(DC)(DC) X
3 'polydeoxyribonucleotide' (DG)(DG)(DG)(DA)(DC)(DC)(DC)(DT)(DT)(DG)(DA)(DT)(DG)(DT)(DT)(DT) Y
#
loop_
_chem_comp.id
_chem_comp.type
_chem_comp.name
_chem_comp.formula
DA DNA linking 2'-DEOXYADENOSINE-5'-MONOPHOSPHATE 'C10 H14 N5 O6 P'
DC DNA linking 2'-DEOXYCYTIDINE-5'-MONOPHOSPHATE 'C9 H14 N3 O7 P'
DG DNA linking 2'-DEOXYGUANOSINE-5'-MONOPHOSPHATE 'C10 H14 N5 O7 P'
DT DNA linking THYMIDINE-5'-MONOPHOSPHATE 'C10 H15 N2 O8 P'
ZN non-polymer 'ZINC ION' 'Zn 2'
#
# COMPACT_ATOMS: atom_id res chain seq x y z
N LYS A 15 -2.40 21.74 -2.44
CA LYS A 15 -1.30 21.40 -3.36
C LYS A 15 -1.77 21.46 -4.81
N ALA A 16 -1.54 20.40 -5.56
CA ALA A 16 -1.92 20.31 -6.96
C ALA A 16 -3.04 19.30 -7.16
N PHE A 17 -3.77 19.47 -8.24
CA PHE A 17 -4.88 18.57 -8.58
C PHE A 17 -4.84 18.25 -10.06
N GLN A 18 -5.36 17.08 -10.40
CA GLN A 18 -5.46 16.63 -11.78
C GLN A 18 -6.90 16.19 -12.06
N LYS A 19 -7.26 16.24 -13.33
CA LYS A 19 -8.55 15.75 -13.80
C LYS A 19 -8.35 14.42 -14.51
N CYS A 20 -9.11 13.42 -14.11
CA CYS A 20 -9.02 12.12 -14.78
C CYS A 20 -9.60 12.24 -16.18
N PRO A 21 -8.87 11.83 -17.22
CA PRO A 21 -9.43 11.88 -18.58
C PRO A 21 -10.56 10.90 -18.82
N ILE A 22 -10.72 9.89 -17.97
CA ILE A 22 -11.67 8.81 -18.23
C ILE A 22 -12.97 9.00 -17.47
N CYS A 23 -12.92 9.52 -16.24
CA CYS A 23 -14.13 9.62 -15.43
C CYS A 23 -14.30 11.00 -14.80
N GLU A 24 -13.57 12.01 -15.29
CA GLU A 24 -13.68 13.40 -14.82
C GLU A 24 -13.41 13.54 -13.33
N LYS A 25 -12.86 12.50 -12.70
CA LYS A 25 -12.54 12.56 -11.28
C LYS A 25 -11.37 13.50 -11.06
N VAL A 26 -11.39 14.18 -9.92
CA VAL A 26 -10.28 15.03 -9.49
C VAL A 26 -9.39 14.21 -8.58
N ILE A 27 -8.12 14.10 -8.97
CA ILE A 27 -7.12 13.33 -8.20
C ILE A 27 -6.09 14.31 -7.68
N GLN A 28 -5.85 14.27 -6.38
CA GLN A 28 -4.84 15.12 -5.75
C GLN A 28 -3.51 14.38 -5.68
N GLY A 29 -2.44 15.05 -6.10
CA GLY A 29 -1.13 14.44 -6.12
C GLY A 29 -0.38 14.75 -7.40
N ALA A 30 0.91 15.04 -7.27
CA ALA A 30 1.71 15.43 -8.43
C ALA A 30 1.75 14.33 -9.48
N GLY A 31 2.33 13.18 -9.14
CA GLY A 31 2.43 12.08 -10.08
C GLY A 31 1.44 10.96 -9.79
N LYS A 32 0.35 11.28 -9.10
CA LYS A 32 -0.57 10.27 -8.63
C LYS A 32 -1.67 9.93 -9.63
N LEU A 33 -1.75 10.62 -10.77
CA LEU A 33 -2.78 10.28 -11.75
C LEU A 33 -2.62 8.88 -12.31
N PRO A 34 -1.43 8.41 -12.71
CA PRO A 34 -1.35 7.08 -13.35
C PRO A 34 -1.88 5.95 -12.48
N ARG A 35 -1.68 6.00 -11.16
CA ARG A 35 -2.22 4.95 -10.30
C ARG A 35 -3.74 4.95 -10.32
N HIS A 36 -4.35 6.12 -10.54
CA HIS A 36 -5.80 6.17 -10.72
C HIS A 36 -6.20 5.62 -12.09
N ILE A 37 -5.42 5.93 -13.13
CA ILE A 37 -5.72 5.43 -14.46
C ILE A 37 -5.64 3.91 -14.49
N ARG A 38 -4.73 3.33 -13.72
CA ARG A 38 -4.57 1.88 -13.70
C ARG A 38 -5.78 1.16 -13.12
N THR A 39 -6.63 1.85 -12.35
CA THR A 39 -7.87 1.24 -11.93
C THR A 39 -8.81 1.02 -13.10
N HIS A 40 -8.73 1.87 -14.13
CA HIS A 40 -9.56 1.71 -15.32
C HIS A 40 -8.93 0.74 -16.31
N THR A 41 -7.65 0.92 -16.63
CA THR A 41 -6.99 0.04 -17.58
C THR A 41 -6.80 -1.37 -17.03
N GLY A 42 -6.90 -1.55 -15.72
CA GLY A 42 -6.70 -2.87 -15.14
C GLY A 42 -5.30 -3.41 -15.36
N GLU A 43 -4.29 -2.57 -15.18
CA GLU A 43 -2.91 -2.89 -15.50
C GLU A 43 -2.09 -3.00 -14.22
N LYS A 44 -1.31 -4.07 -14.09
CA LYS A 44 -0.50 -4.34 -12.91
C LYS A 44 0.96 -4.45 -13.34
N PRO A 45 1.67 -3.33 -13.45
CA PRO A 45 3.03 -3.37 -14.00
C PRO A 45 4.07 -3.95 -13.04
N TYR A 46 3.76 -4.08 -11.77
CA TYR A 46 4.71 -4.57 -10.79
C TYR A 46 4.48 -6.05 -10.53
N GLU A 47 5.54 -6.74 -10.10
CA GLU A 47 5.50 -8.19 -9.98
C GLU A 47 6.31 -8.62 -8.77
N CYS A 48 5.78 -9.61 -8.06
CA CYS A 48 6.48 -10.20 -6.93
C CYS A 48 7.44 -11.27 -7.45
N ASN A 49 8.75 -11.07 -7.23
CA ASN A 49 9.75 -11.98 -7.79
C ASN A 49 9.60 -13.40 -7.26
N ILE A 50 8.92 -13.59 -6.13
CA ILE A 50 8.78 -14.91 -5.53
C ILE A 50 7.48 -15.55 -5.99
N CYS A 51 6.34 -14.93 -5.69
CA CYS A 51 5.03 -15.53 -5.94
C CYS A 51 4.40 -15.08 -7.25
N LYS A 52 5.07 -14.21 -8.01
CA LYS A 52 4.67 -13.85 -9.37
C LYS A 52 3.33 -13.14 -9.45
N VAL A 53 2.73 -12.80 -8.30
CA VAL A 53 1.47 -12.04 -8.30
C VAL A 53 1.78 -10.58 -8.61
N ARG A 54 0.95 -9.97 -9.44
CA ARG A 54 1.19 -8.63 -9.96
C ARG A 54 0.30 -7.61 -9.26
N PHE A 55 0.79 -6.36 -9.19
CA PHE A 55 0.12 -5.29 -8.45
C PHE A 55 0.12 -4.00 -9.27
N THR A 56 -0.88 -3.16 -8.99
CA THR A 56 -1.03 -1.89 -9.68
C THR A 56 -0.17 -0.78 -9.09
N ARG A 57 0.24 -0.91 -7.83
CA ARG A 57 0.99 0.12 -7.13
C ARG A 57 2.20 -0.50 -6.46
N GLN A 58 3.30 0.26 -6.43
CA GLN A 58 4.56 -0.25 -5.89
C GLN A 58 4.46 -0.52 -4.40
N ASP A 59 3.80 0.36 -3.65
CA ASP A 59 3.66 0.16 -2.21
C ASP A 59 2.83 -1.08 -1.90
N LYS A 60 1.80 -1.35 -2.71
CA LYS A 60 1.04 -2.57 -2.53
C LYS A 60 1.91 -3.81 -2.76
N LEU A 61 2.90 -3.71 -3.63
CA LEU A 61 3.90 -4.78 -3.74
C LEU A 61 4.77 -4.83 -2.49
N LYS A 62 5.15 -3.67 -1.95
CA LYS A 62 6.01 -3.64 -0.77
C LYS A 62 5.31 -4.26 0.44
N VAL A 63 4.02 -3.96 0.63
CA VAL A 63 3.28 -4.56 1.73
C VAL A 63 3.11 -6.06 1.50
N HIS A 64 2.94 -6.48 0.24
CA HIS A 64 2.92 -7.90 -0.05
C HIS A 64 4.24 -8.56 0.29
N MET A 65 5.35 -7.87 0.02
CA MET A 65 6.67 -8.44 0.30
C MET A 65 6.89 -8.67 1.79
N ARG A 66 6.18 -7.96 2.66
CA ARG A 66 6.27 -8.23 4.08
C ARG A 66 5.81 -9.65 4.44
N LYS A 67 5.00 -10.26 3.57
CA LYS A 67 4.63 -11.67 3.79
C LYS A 67 5.84 -12.58 3.62
N HIS A 68 6.59 -12.41 2.53
CA HIS A 68 7.77 -13.24 2.29
C HIS A 68 8.90 -12.87 3.23
N THR A 69 9.39 -11.65 3.13
CA THR A 69 10.40 -11.13 4.05
C THR A 69 9.67 -10.78 5.35
N GLY A 70 9.59 -11.75 6.26
CA GLY A 70 8.82 -11.59 7.47
C GLY A 70 9.25 -10.39 8.28
N GLU A 71 8.43 -9.34 8.24
CA GLU A 71 8.78 -8.06 8.84
C GLU A 71 7.58 -7.55 9.62
N LYS A 72 7.85 -6.95 10.77
CA LYS A 72 6.83 -6.36 11.64
C LYS A 72 7.27 -4.93 11.96
N PRO A 73 7.13 -4.01 11.01
CA PRO A 73 7.60 -2.63 11.24
C PRO A 73 6.85 -1.91 12.34
N TYR A 74 5.61 -2.30 12.64
CA TYR A 74 4.79 -1.61 13.62
C TYR A 74 5.11 -2.15 15.01
N LEU A 75 6.20 -1.64 15.58
CA LEU A 75 6.60 -2.03 16.92
C LEU A 75 5.81 -1.22 17.96
N CYS A 76 5.55 -1.87 19.10
CA CYS A 76 4.82 -1.23 20.18
C CYS A 76 5.72 -0.25 20.92
N GLN A 77 5.24 0.98 21.09
CA GLN A 77 6.01 1.99 21.83
C GLN A 77 6.02 1.72 23.33
N GLN A 78 5.16 0.83 23.82
CA GLN A 78 5.04 0.59 25.25
C GLN A 78 5.87 -0.62 25.71
N CYS A 79 5.78 -1.73 24.99
CA CYS A 79 6.43 -2.97 25.39
C CYS A 79 7.43 -3.51 24.38
N GLY A 80 7.45 -2.99 23.15
CA GLY A 80 8.42 -3.41 22.16
C GLY A 80 7.98 -4.52 21.22
N ALA A 81 6.82 -5.13 21.47
CA ALA A 81 6.33 -6.18 20.57
C ALA A 81 5.99 -5.59 19.21
N ALA A 82 6.25 -6.37 18.16
CA ALA A 82 6.12 -5.90 16.79
C ALA A 82 5.08 -6.74 16.04
N PHE A 83 4.31 -6.10 15.17
CA PHE A 83 3.24 -6.74 14.43
C PHE A 83 3.33 -6.40 12.96
N ALA A 84 2.91 -7.34 12.11
CA ALA A 84 3.01 -7.17 10.67
C ALA A 84 2.08 -6.08 10.16
N HIS A 85 0.91 -5.92 10.79
CA HIS A 85 -0.10 -4.98 10.33
C HIS A 85 -0.34 -3.91 11.36
N ASN A 86 -0.68 -2.71 10.88
CA ASN A 86 -0.81 -1.56 11.77
C ASN A 86 -1.99 -1.72 12.74
N TYR A 87 -3.04 -2.44 12.33
CA TYR A 87 -4.20 -2.60 13.20
C TYR A 87 -3.96 -3.63 14.29
N ASP A 88 -3.21 -4.70 13.98
CA ASP A 88 -2.81 -5.64 15.03
C ASP A 88 -2.00 -4.94 16.12
N LEU A 89 -1.18 -3.94 15.74
CA LEU A 89 -0.54 -3.09 16.73
C LEU A 89 -1.56 -2.27 17.50
N LYS A 90 -2.55 -1.71 16.79
CA LYS A 90 -3.58 -0.90 17.45
C LYS A 90 -4.36 -1.71 18.47
N ASN A 91 -4.73 -2.94 18.11
CA ASN A 91 -5.45 -3.80 19.04
C ASN A 91 -4.58 -4.17 20.24
N HIS A 92 -3.30 -4.45 20.00
CA HIS A 92 -2.39 -4.73 21.11
C HIS A 92 -2.20 -3.51 21.99
N MET A 93 -2.09 -2.33 21.39
CA MET A 93 -1.94 -1.10 22.17
C MET A 93 -3.19 -0.84 23.01
N ARG A 94 -4.38 -1.07 22.44
CA ARG A 94 -5.61 -0.88 23.19
C ARG A 94 -5.77 -1.90 24.31
N VAL A 95 -5.12 -3.06 24.19
CA VAL A 95 -5.18 -4.06 25.25
C VAL A 95 -4.49 -3.56 26.52
N HIS A 96 -3.40 -2.81 26.35
CA HIS A 96 -2.67 -2.23 27.47
C HIS A 96 -3.57 -1.31 28.30
ZN ZN D . 4.92 -12.88 -3.17
ZN ZN E . -10.73 7.64 -13.70
ZN ZN F . 2.28 -3.52 23.73
#